data_4MDO
#
_entry.id   4MDO
#
_cell.length_a   113.543
_cell.length_b   113.543
_cell.length_c   179.058
_cell.angle_alpha   90.000
_cell.angle_beta   90.000
_cell.angle_gamma   120.000
#
_symmetry.space_group_name_H-M   'P 65 2 2'
#
loop_
_entity.id
_entity.type
_entity.pdbx_description
1 polymer Beta-glucosidase
2 non-polymer 2-AMINO-2-HYDROXYMETHYL-PROPANE-1,3-DIOL
3 non-polymer DI(HYDROXYETHYL)ETHER
4 non-polymer 'SULFATE ION'
5 water water
#
_entity_poly.entity_id   1
_entity_poly.type   'polypeptide(L)'
_entity_poly.pdbx_seq_one_letter_code
;MGSSHHHHHHSSGLVPRGSHMASMSLPPDFKWGFATAAYQIEGSVNEDGRGPSIWDTFCAIPGKIADGSSGAVACDSYKR
TKEDIALLKELGANSYRFSISWSRIIPLGGRNDPINQKGIDHYVKFVDDLIEAGITPFITLFHWDLPDALDKRYGGFLNK
EEFAADFENYARIMFKAIPKCKHWITFNEPWCSAILGYNTGYFAPGHTSDRSKSPVGDSAREPWIVGHNILIAHARAVKA
YREDFKPTQGGEIGITLNGDATLPWDPEDPADIEACDRKIEFAISWFADPIYFGKYPDSMRKQLGDRLPEFTPEEVALVK
GSNDFYGMNHYTANYIKHKTGVPPEDDFLGNLETLFYNKYGDCIGPETQSFWLRPHAQGFRDLLNWLSKRYGYPKIYVTE
NGTSLKGENDMPLEQVLEDDFRVKYFNDYVRAMAAAVAEDGCNVRGYLAWSLLDNFEWAEGYETRFGVTYVDYANDQKRY
PKKSAKSLKPLFDSLIRKE
;
_entity_poly.pdbx_strand_id   A
#
# COMPACT_ATOMS: atom_id res chain seq x y z
N SER A 23 -2.18 -28.00 -5.25
CA SER A 23 -1.12 -28.24 -4.22
C SER A 23 -0.92 -26.97 -3.35
N MET A 24 -1.27 -27.01 -2.06
CA MET A 24 -1.37 -25.78 -1.21
C MET A 24 -0.95 -26.01 0.27
N SER A 25 0.10 -25.34 0.71
CA SER A 25 0.68 -25.60 2.01
C SER A 25 1.68 -24.49 2.26
N LEU A 26 1.55 -23.82 3.39
CA LEU A 26 2.46 -22.73 3.75
C LEU A 26 3.43 -23.20 4.82
N PRO A 27 4.63 -22.61 4.88
CA PRO A 27 5.60 -23.00 5.89
C PRO A 27 5.12 -22.67 7.32
N PRO A 28 5.74 -23.28 8.34
CA PRO A 28 5.27 -23.16 9.72
C PRO A 28 5.37 -21.77 10.32
N ASP A 29 6.34 -20.98 9.92
CA ASP A 29 6.46 -19.63 10.53
C ASP A 29 5.55 -18.55 9.86
N PHE A 30 4.49 -18.99 9.19
CA PHE A 30 3.81 -18.11 8.23
C PHE A 30 3.06 -17.02 8.96
N LYS A 31 3.37 -15.77 8.62
CA LYS A 31 2.80 -14.63 9.33
C LYS A 31 1.48 -14.28 8.69
N TRP A 32 0.40 -14.21 9.45
CA TRP A 32 -0.80 -13.62 8.90
C TRP A 32 -1.50 -12.75 9.90
N GLY A 33 -2.38 -11.92 9.37
CA GLY A 33 -3.21 -11.07 10.17
C GLY A 33 -3.81 -10.00 9.26
N PHE A 34 -3.82 -8.77 9.81
CA PHE A 34 -4.54 -7.64 9.20
C PHE A 34 -3.65 -6.41 9.03
N ALA A 35 -4.05 -5.53 8.11
CA ALA A 35 -3.37 -4.27 7.90
C ALA A 35 -4.34 -3.11 8.04
N THR A 36 -3.80 -2.00 8.55
CA THR A 36 -4.43 -0.69 8.49
C THR A 36 -3.39 0.41 8.11
N ALA A 37 -3.86 1.65 8.03
CA ALA A 37 -3.04 2.83 7.80
C ALA A 37 -3.51 3.92 8.73
N ALA A 38 -2.59 4.80 9.15
CA ALA A 38 -2.88 5.69 10.26
C ALA A 38 -3.96 6.67 9.94
N TYR A 39 -3.82 7.39 8.82
CA TYR A 39 -4.83 8.39 8.51
C TYR A 39 -6.23 7.79 8.36
N GLN A 40 -6.29 6.54 7.96
CA GLN A 40 -7.55 5.91 7.60
C GLN A 40 -8.31 5.44 8.81
N ILE A 41 -7.63 5.16 9.93
CA ILE A 41 -8.33 4.64 11.13
C ILE A 41 -8.22 5.50 12.40
N GLU A 42 -7.15 6.30 12.55
CA GLU A 42 -6.78 6.80 13.89
C GLU A 42 -7.70 7.83 14.51
N GLY A 43 -8.16 8.78 13.72
CA GLY A 43 -8.87 9.90 14.28
C GLY A 43 -7.87 10.73 15.08
N SER A 44 -8.37 11.45 16.09
CA SER A 44 -7.52 12.30 16.94
C SER A 44 -6.50 13.06 16.08
N VAL A 45 -7.03 13.72 15.07
CA VAL A 45 -6.27 14.44 14.06
C VAL A 45 -5.44 15.60 14.61
N ASN A 46 -5.94 16.19 15.71
CA ASN A 46 -5.29 17.29 16.40
C ASN A 46 -4.85 17.00 17.84
N GLU A 47 -5.14 15.82 18.39
CA GLU A 47 -4.76 15.50 19.78
C GLU A 47 -3.27 15.18 19.89
N ASP A 48 -2.75 15.31 21.10
CA ASP A 48 -1.35 14.98 21.44
C ASP A 48 -0.29 15.53 20.48
N GLY A 49 -0.45 16.79 20.08
CA GLY A 49 0.56 17.51 19.29
C GLY A 49 0.71 17.17 17.81
N ARG A 50 -0.19 16.37 17.26
CA ARG A 50 -0.11 16.00 15.84
C ARG A 50 -0.23 17.23 14.97
N GLY A 51 0.67 17.39 14.02
CA GLY A 51 0.53 18.41 12.97
C GLY A 51 -0.31 17.95 11.77
N PRO A 52 -0.78 18.90 10.96
CA PRO A 52 -1.54 18.50 9.78
C PRO A 52 -0.65 17.81 8.75
N SER A 53 -1.27 16.88 8.01
CA SER A 53 -0.65 16.15 6.92
C SER A 53 -1.25 16.62 5.59
N ILE A 54 -0.64 16.28 4.48
CA ILE A 54 -1.19 16.72 3.19
C ILE A 54 -2.65 16.28 3.00
N TRP A 55 -3.03 15.17 3.66
CA TRP A 55 -4.39 14.68 3.58
C TRP A 55 -5.40 15.50 4.42
N ASP A 56 -4.94 16.16 5.48
CA ASP A 56 -5.83 17.05 6.27
C ASP A 56 -6.20 18.29 5.46
N THR A 57 -5.21 18.81 4.75
CA THR A 57 -5.37 19.93 3.84
C THR A 57 -6.29 19.55 2.68
N PHE A 58 -5.97 18.44 2.01
CA PHE A 58 -6.77 17.93 0.87
C PHE A 58 -8.26 17.70 1.18
N CYS A 59 -8.58 17.09 2.32
CA CYS A 59 -10.00 16.85 2.68
C CYS A 59 -10.80 18.16 2.92
N ALA A 60 -10.07 19.24 3.19
CA ALA A 60 -10.66 20.57 3.42
C ALA A 60 -11.18 21.21 2.14
N ILE A 61 -10.61 20.83 1.00
CA ILE A 61 -11.02 21.37 -0.30
C ILE A 61 -12.29 20.70 -0.81
N PRO A 62 -13.38 21.47 -0.97
CA PRO A 62 -14.66 20.82 -1.35
C PRO A 62 -14.55 20.09 -2.68
N GLY A 63 -15.25 18.96 -2.80
CA GLY A 63 -15.29 18.17 -4.04
C GLY A 63 -14.20 17.12 -4.24
N LYS A 64 -13.14 17.17 -3.43
CA LYS A 64 -12.05 16.20 -3.50
C LYS A 64 -12.41 14.83 -2.89
N ILE A 65 -13.20 14.85 -1.80
CA ILE A 65 -13.65 13.62 -1.16
C ILE A 65 -15.11 13.36 -1.51
N ALA A 66 -15.35 12.26 -2.22
CA ALA A 66 -16.69 11.89 -2.71
C ALA A 66 -17.82 12.20 -1.73
N ASP A 67 -17.60 11.99 -0.44
CA ASP A 67 -18.67 12.15 0.54
C ASP A 67 -18.44 13.31 1.52
N GLY A 68 -17.65 14.31 1.10
CA GLY A 68 -17.32 15.49 1.90
C GLY A 68 -16.77 15.20 3.30
N SER A 69 -16.13 14.06 3.48
CA SER A 69 -15.65 13.64 4.79
C SER A 69 -14.15 13.82 4.86
N SER A 70 -13.58 13.46 5.99
CA SER A 70 -12.17 13.58 6.23
C SER A 70 -11.79 12.51 7.24
N GLY A 71 -10.49 12.32 7.45
CA GLY A 71 -10.00 11.38 8.46
C GLY A 71 -10.27 11.78 9.90
N ALA A 72 -10.93 12.93 10.12
CA ALA A 72 -11.28 13.33 11.47
C ALA A 72 -12.10 12.18 12.04
N VAL A 73 -11.76 11.79 13.26
CA VAL A 73 -12.46 10.71 13.96
C VAL A 73 -12.20 9.32 13.35
N ALA A 74 -12.61 9.09 12.10
CA ALA A 74 -12.42 7.79 11.44
C ALA A 74 -12.84 6.68 12.39
N CYS A 75 -11.98 5.73 12.73
CA CYS A 75 -12.37 4.63 13.65
C CYS A 75 -11.95 4.91 15.09
N ASP A 76 -11.52 6.14 15.37
CA ASP A 76 -11.10 6.55 16.69
C ASP A 76 -10.05 5.57 17.27
N SER A 77 -9.18 5.06 16.40
CA SER A 77 -8.31 3.96 16.78
C SER A 77 -7.15 4.43 17.61
N TYR A 78 -6.89 5.74 17.58
CA TYR A 78 -5.81 6.30 18.37
C TYR A 78 -6.13 6.19 19.85
N LYS A 79 -7.40 6.31 20.21
CA LYS A 79 -7.86 6.12 21.59
C LYS A 79 -8.40 4.70 21.87
N ARG A 80 -8.15 3.73 21.00
CA ARG A 80 -8.76 2.40 21.13
C ARG A 80 -7.84 1.26 20.80
N THR A 81 -6.57 1.45 21.15
CA THR A 81 -5.57 0.47 20.93
C THR A 81 -5.92 -0.81 21.70
N LYS A 82 -6.39 -0.65 22.92
CA LYS A 82 -6.67 -1.78 23.78
C LYS A 82 -7.70 -2.68 23.10
N GLU A 83 -8.75 -2.04 22.58
CA GLU A 83 -9.84 -2.71 21.92
C GLU A 83 -9.39 -3.36 20.60
N ASP A 84 -8.70 -2.58 19.75
CA ASP A 84 -8.24 -3.09 18.45
C ASP A 84 -7.29 -4.25 18.63
N ILE A 85 -6.43 -4.19 19.66
CA ILE A 85 -5.57 -5.34 19.99
C ILE A 85 -6.38 -6.56 20.45
N ALA A 86 -7.40 -6.36 21.27
CA ALA A 86 -8.20 -7.49 21.77
C ALA A 86 -8.91 -8.17 20.61
N LEU A 87 -9.30 -7.37 19.63
CA LEU A 87 -9.95 -7.86 18.41
C LEU A 87 -9.03 -8.74 17.56
N LEU A 88 -7.82 -8.26 17.33
CA LEU A 88 -6.84 -9.04 16.61
C LEU A 88 -6.62 -10.39 17.26
N LYS A 89 -6.45 -10.35 18.58
CA LYS A 89 -6.23 -11.58 19.30
C LYS A 89 -7.45 -12.47 19.17
N GLU A 90 -8.63 -11.87 19.24
CA GLU A 90 -9.86 -12.62 19.11
C GLU A 90 -10.00 -13.28 17.73
N LEU A 91 -9.56 -12.61 16.67
CA LEU A 91 -9.66 -13.19 15.34
C LEU A 91 -8.55 -14.20 15.06
N GLY A 92 -7.60 -14.31 15.98
CA GLY A 92 -6.45 -15.22 15.82
C GLY A 92 -5.25 -14.69 15.04
N ALA A 93 -5.17 -13.41 14.76
CA ALA A 93 -4.06 -12.91 13.95
C ALA A 93 -2.76 -13.10 14.74
N ASN A 94 -1.70 -13.45 14.04
CA ASN A 94 -0.38 -13.53 14.64
C ASN A 94 0.48 -12.33 14.23
N SER A 95 -0.03 -11.54 13.27
CA SER A 95 0.67 -10.37 12.75
C SER A 95 -0.24 -9.18 12.54
N TYR A 96 0.34 -7.99 12.55
CA TYR A 96 -0.45 -6.76 12.36
C TYR A 96 0.40 -5.67 11.75
N ARG A 97 -0.07 -5.18 10.61
CA ARG A 97 0.57 -4.08 9.92
C ARG A 97 -0.21 -2.80 10.12
N PHE A 98 0.51 -1.74 10.43
CA PHE A 98 -0.07 -0.44 10.65
C PHE A 98 0.99 0.59 10.27
N SER A 99 0.59 1.87 10.23
CA SER A 99 1.50 2.93 9.83
C SER A 99 1.67 3.95 10.95
N ILE A 100 2.85 4.56 10.94
CA ILE A 100 3.19 5.67 11.82
C ILE A 100 2.83 6.98 11.13
N SER A 101 2.00 7.78 11.77
CA SER A 101 1.74 9.16 11.31
C SER A 101 2.99 10.00 11.61
N TRP A 102 3.73 10.32 10.56
CA TRP A 102 4.95 11.14 10.62
C TRP A 102 4.69 12.41 11.43
N SER A 103 3.54 13.03 11.21
CA SER A 103 3.25 14.32 11.81
C SER A 103 2.82 14.20 13.28
N ARG A 104 2.65 12.99 13.80
CA ARG A 104 2.63 12.84 15.26
C ARG A 104 4.05 12.76 15.85
N ILE A 105 5.04 12.42 15.03
CA ILE A 105 6.40 12.30 15.54
C ILE A 105 7.13 13.62 15.38
N ILE A 106 6.96 14.27 14.23
CA ILE A 106 7.55 15.58 13.96
C ILE A 106 6.46 16.40 13.30
N PRO A 107 5.70 17.15 14.10
CA PRO A 107 4.50 17.80 13.53
C PRO A 107 4.72 18.65 12.27
N LEU A 108 5.94 19.16 12.07
CA LEU A 108 6.27 19.92 10.89
C LEU A 108 7.11 19.11 9.89
N GLY A 109 7.64 17.99 10.37
CA GLY A 109 8.16 16.94 9.51
C GLY A 109 9.64 16.92 9.32
N GLY A 110 10.24 18.11 9.30
CA GLY A 110 11.66 18.27 8.97
C GLY A 110 12.67 17.93 10.07
N ARG A 111 13.91 17.76 9.64
CA ARG A 111 15.00 17.34 10.50
C ARG A 111 15.42 18.38 11.54
N ASN A 112 15.08 19.66 11.31
CA ASN A 112 15.32 20.69 12.34
C ASN A 112 14.10 21.12 13.11
N ASP A 113 12.99 20.41 12.94
CA ASP A 113 11.78 20.78 13.65
C ASP A 113 11.68 20.05 14.99
N PRO A 114 10.87 20.58 15.91
CA PRO A 114 10.76 19.88 17.20
C PRO A 114 10.12 18.51 17.04
N ILE A 115 10.56 17.57 17.85
CA ILE A 115 10.03 16.22 17.89
C ILE A 115 8.90 16.17 18.93
N ASN A 116 7.91 15.32 18.71
CA ASN A 116 6.76 15.21 19.62
C ASN A 116 6.83 13.90 20.37
N GLN A 117 7.44 13.94 21.53
CA GLN A 117 7.73 12.75 22.31
C GLN A 117 6.45 12.00 22.68
N LYS A 118 5.33 12.69 22.88
CA LYS A 118 4.05 12.03 23.11
C LYS A 118 3.76 11.04 21.99
N GLY A 119 3.99 11.47 20.75
CA GLY A 119 3.73 10.63 19.59
C GLY A 119 4.63 9.41 19.50
N ILE A 120 5.91 9.61 19.76
CA ILE A 120 6.83 8.48 19.83
C ILE A 120 6.33 7.50 20.87
N ASP A 121 6.19 7.97 22.09
CA ASP A 121 5.70 7.14 23.22
C ASP A 121 4.42 6.37 22.94
N HIS A 122 3.50 6.95 22.17
CA HIS A 122 2.25 6.29 21.85
C HIS A 122 2.50 5.00 21.08
N TYR A 123 3.37 5.09 20.09
CA TYR A 123 3.64 4.00 19.19
C TYR A 123 4.56 2.98 19.85
N VAL A 124 5.51 3.42 20.67
CA VAL A 124 6.34 2.47 21.41
C VAL A 124 5.48 1.58 22.35
N LYS A 125 4.52 2.22 23.04
CA LYS A 125 3.61 1.49 23.91
C LYS A 125 2.71 0.53 23.13
N PHE A 126 2.30 0.97 21.96
CA PHE A 126 1.41 0.16 21.15
C PHE A 126 2.13 -1.09 20.69
N VAL A 127 3.39 -0.95 20.32
CA VAL A 127 4.14 -2.10 19.87
C VAL A 127 4.38 -3.09 21.03
N ASP A 128 4.61 -2.57 22.25
CA ASP A 128 4.67 -3.42 23.47
C ASP A 128 3.37 -4.13 23.79
N ASP A 129 2.25 -3.44 23.63
CA ASP A 129 0.98 -4.08 23.85
C ASP A 129 0.77 -5.17 22.81
N LEU A 130 1.10 -4.85 21.56
CA LEU A 130 1.01 -5.82 20.49
C LEU A 130 1.82 -7.08 20.82
N ILE A 131 3.07 -6.86 21.26
CA ILE A 131 3.97 -7.97 21.52
C ILE A 131 3.47 -8.78 22.71
N GLU A 132 3.01 -8.08 23.73
CA GLU A 132 2.43 -8.73 24.90
C GLU A 132 1.28 -9.65 24.49
N ALA A 133 0.50 -9.24 23.49
CA ALA A 133 -0.64 -10.04 22.97
C ALA A 133 -0.25 -11.12 21.95
N GLY A 134 1.05 -11.33 21.74
CA GLY A 134 1.54 -12.37 20.83
C GLY A 134 1.48 -12.01 19.35
N ILE A 135 1.38 -10.71 19.03
CA ILE A 135 1.20 -10.24 17.64
C ILE A 135 2.48 -9.64 17.12
N THR A 136 2.85 -9.97 15.90
CA THR A 136 4.06 -9.43 15.28
C THR A 136 3.76 -8.12 14.53
N PRO A 137 4.37 -7.00 14.94
CA PRO A 137 4.13 -5.75 14.23
C PRO A 137 4.91 -5.60 12.91
N PHE A 138 4.22 -5.16 11.87
CA PHE A 138 4.84 -4.76 10.62
C PHE A 138 4.53 -3.27 10.55
N ILE A 139 5.56 -2.44 10.48
CA ILE A 139 5.37 -1.01 10.61
C ILE A 139 5.70 -0.31 9.32
N THR A 140 4.69 0.38 8.77
CA THR A 140 4.87 1.25 7.61
C THR A 140 5.23 2.69 8.04
N LEU A 141 6.38 3.18 7.62
CA LEU A 141 6.83 4.51 7.97
C LEU A 141 6.07 5.59 7.23
N PHE A 142 5.89 5.42 5.93
CA PHE A 142 5.12 6.42 5.16
C PHE A 142 3.93 5.80 4.46
N HIS A 143 2.74 6.04 5.01
CA HIS A 143 1.46 5.68 4.32
C HIS A 143 0.60 6.95 3.98
N TRP A 144 1.25 7.81 3.20
CA TRP A 144 0.68 8.97 2.47
C TRP A 144 0.47 10.25 3.27
N ASP A 145 0.46 10.13 4.59
CA ASP A 145 0.25 11.29 5.44
C ASP A 145 1.55 12.12 5.63
N LEU A 146 2.05 12.68 4.52
CA LEU A 146 3.20 13.59 4.58
C LEU A 146 2.87 14.82 5.41
N PRO A 147 3.71 15.15 6.39
CA PRO A 147 3.46 16.40 7.13
C PRO A 147 3.33 17.58 6.17
N ASP A 148 2.24 18.32 6.27
CA ASP A 148 1.92 19.36 5.28
C ASP A 148 3.04 20.39 5.11
N ALA A 149 3.66 20.80 6.22
CA ALA A 149 4.69 21.80 6.18
C ALA A 149 5.78 21.49 5.14
N LEU A 150 6.20 20.23 5.04
CA LEU A 150 7.21 19.84 4.04
C LEU A 150 6.71 20.00 2.60
N ASP A 151 5.42 19.81 2.38
CA ASP A 151 4.86 20.02 1.06
C ASP A 151 4.91 21.54 0.72
N LYS A 152 4.45 22.36 1.66
CA LYS A 152 4.50 23.81 1.52
C LYS A 152 5.92 24.38 1.36
N ARG A 153 6.88 23.81 2.05
CA ARG A 153 8.22 24.36 2.02
C ARG A 153 8.93 24.14 0.71
N TYR A 154 9.06 22.89 0.29
CA TYR A 154 9.86 22.53 -0.90
C TYR A 154 9.12 21.62 -1.90
N GLY A 155 7.79 21.51 -1.75
CA GLY A 155 6.98 20.64 -2.60
C GLY A 155 7.14 19.13 -2.33
N GLY A 156 7.60 18.78 -1.12
CA GLY A 156 7.68 17.40 -0.67
C GLY A 156 8.54 16.50 -1.52
N PHE A 157 7.93 15.49 -2.12
CA PHE A 157 8.72 14.49 -2.89
C PHE A 157 9.48 15.16 -4.02
N LEU A 158 8.99 16.32 -4.48
CA LEU A 158 9.57 17.06 -5.61
C LEU A 158 10.99 17.58 -5.39
N ASN A 159 11.38 17.80 -4.15
CA ASN A 159 12.75 18.15 -3.85
C ASN A 159 13.50 16.94 -3.35
N LYS A 160 14.31 16.35 -4.22
CA LYS A 160 15.05 15.15 -3.90
C LYS A 160 15.89 15.17 -2.64
N GLU A 161 16.79 16.15 -2.49
CA GLU A 161 17.76 16.11 -1.35
C GLU A 161 17.09 16.51 -0.03
N GLU A 162 16.12 17.40 -0.10
CA GLU A 162 15.38 17.85 1.07
C GLU A 162 14.50 16.75 1.58
N PHE A 163 13.72 16.13 0.70
CA PHE A 163 12.83 15.05 1.11
C PHE A 163 13.59 13.81 1.61
N ALA A 164 14.69 13.47 0.95
CA ALA A 164 15.46 12.32 1.37
C ALA A 164 16.03 12.54 2.76
N ALA A 165 16.56 13.73 3.02
CA ALA A 165 17.11 14.04 4.35
C ALA A 165 16.03 13.97 5.44
N ASP A 166 14.88 14.56 5.14
CA ASP A 166 13.83 14.62 6.14
C ASP A 166 13.27 13.21 6.34
N PHE A 167 13.09 12.45 5.26
CA PHE A 167 12.59 11.09 5.42
C PHE A 167 13.59 10.26 6.21
N GLU A 168 14.87 10.37 5.87
CA GLU A 168 15.87 9.57 6.57
C GLU A 168 15.92 9.94 8.04
N ASN A 169 15.83 11.22 8.35
CA ASN A 169 15.80 11.66 9.74
C ASN A 169 14.68 11.02 10.53
N TYR A 170 13.47 11.16 10.00
CA TYR A 170 12.26 10.51 10.53
C TYR A 170 12.43 9.00 10.69
N ALA A 171 12.92 8.35 9.65
CA ALA A 171 13.13 6.89 9.74
C ALA A 171 13.97 6.52 10.94
N ARG A 172 15.07 7.24 11.15
CA ARG A 172 16.03 6.89 12.19
C ARG A 172 15.47 7.08 13.59
N ILE A 173 14.62 8.09 13.76
CA ILE A 173 13.97 8.28 15.05
C ILE A 173 13.15 7.06 15.37
N MET A 174 12.50 6.50 14.36
CA MET A 174 11.58 5.38 14.61
C MET A 174 12.33 4.09 14.90
N PHE A 175 13.38 3.84 14.12
CA PHE A 175 14.22 2.70 14.34
C PHE A 175 14.85 2.73 15.73
N LYS A 176 15.19 3.92 16.23
CA LYS A 176 15.85 4.01 17.51
C LYS A 176 14.83 3.73 18.61
N ALA A 177 13.63 4.27 18.45
CA ALA A 177 12.56 4.12 19.42
C ALA A 177 11.85 2.78 19.48
N ILE A 178 11.76 2.01 18.38
CA ILE A 178 10.99 0.74 18.38
C ILE A 178 11.87 -0.43 17.94
N PRO A 179 12.92 -0.69 18.70
CA PRO A 179 13.85 -1.72 18.26
C PRO A 179 13.17 -3.09 18.24
N LYS A 180 12.01 -3.21 18.90
CA LYS A 180 11.30 -4.52 18.96
C LYS A 180 10.66 -4.90 17.66
N CYS A 181 10.34 -3.93 16.83
CA CYS A 181 9.85 -4.20 15.50
C CYS A 181 10.96 -4.82 14.66
N LYS A 182 10.67 -5.96 14.02
CA LYS A 182 11.60 -6.64 13.11
C LYS A 182 11.17 -6.63 11.65
N HIS A 183 10.09 -5.92 11.35
CA HIS A 183 9.56 -5.87 9.99
C HIS A 183 9.17 -4.43 9.61
N TRP A 184 10.00 -3.78 8.79
CA TRP A 184 9.80 -2.36 8.48
C TRP A 184 9.45 -2.16 7.02
N ILE A 185 8.47 -1.31 6.75
CA ILE A 185 8.19 -0.89 5.38
C ILE A 185 8.43 0.59 5.28
N THR A 186 9.22 1.00 4.29
CA THR A 186 9.50 2.39 4.08
C THR A 186 8.25 3.09 3.56
N PHE A 187 7.85 2.74 2.34
CA PHE A 187 6.72 3.41 1.70
C PHE A 187 5.61 2.45 1.33
N ASN A 188 4.36 2.90 1.53
CA ASN A 188 3.20 2.20 0.94
C ASN A 188 2.84 2.68 -0.49
N GLU A 189 2.97 1.82 -1.49
CA GLU A 189 2.41 2.10 -2.80
C GLU A 189 2.84 3.46 -3.34
N PRO A 190 4.12 3.62 -3.63
CA PRO A 190 4.52 4.86 -4.26
C PRO A 190 3.84 5.15 -5.61
N TRP A 191 3.42 4.13 -6.35
CA TRP A 191 2.60 4.35 -7.56
C TRP A 191 1.43 5.32 -7.25
N CYS A 192 0.79 5.16 -6.09
CA CYS A 192 -0.36 5.97 -5.74
C CYS A 192 0.06 7.39 -5.44
N SER A 193 1.12 7.51 -4.66
CA SER A 193 1.61 8.83 -4.29
C SER A 193 1.99 9.62 -5.53
N ALA A 194 2.57 8.94 -6.51
CA ALA A 194 3.07 9.58 -7.73
C ALA A 194 2.00 9.84 -8.80
N ILE A 195 1.27 8.82 -9.23
CA ILE A 195 0.28 8.98 -10.28
C ILE A 195 -0.99 9.66 -9.77
N LEU A 196 -1.48 9.19 -8.63
CA LEU A 196 -2.72 9.75 -8.15
C LEU A 196 -2.50 11.13 -7.50
N GLY A 197 -1.30 11.35 -6.98
CA GLY A 197 -0.97 12.63 -6.35
C GLY A 197 -0.57 13.68 -7.36
N TYR A 198 0.11 13.28 -8.43
CA TYR A 198 0.74 14.25 -9.34
C TYR A 198 0.40 14.14 -10.83
N ASN A 199 -0.39 13.12 -11.23
CA ASN A 199 -0.85 13.00 -12.63
C ASN A 199 -2.34 13.33 -12.71
N THR A 200 -3.18 12.62 -11.97
CA THR A 200 -4.61 12.87 -12.05
C THR A 200 -5.06 13.87 -11.00
N GLY A 201 -4.23 14.09 -9.98
CA GLY A 201 -4.67 14.87 -8.81
C GLY A 201 -5.79 14.29 -7.94
N TYR A 202 -6.11 13.02 -8.11
CA TYR A 202 -7.20 12.37 -7.36
C TYR A 202 -6.88 12.25 -5.85
N PHE A 203 -5.61 12.09 -5.53
CA PHE A 203 -5.13 11.90 -4.15
C PHE A 203 -4.21 13.06 -3.83
N ALA A 204 -4.09 13.39 -2.56
CA ALA A 204 -3.25 14.51 -2.10
C ALA A 204 -1.83 14.41 -2.60
N PRO A 205 -1.20 15.56 -2.87
CA PRO A 205 -1.65 16.93 -2.68
C PRO A 205 -2.50 17.49 -3.82
N GLY A 206 -2.98 16.65 -4.72
CA GLY A 206 -3.95 17.09 -5.73
C GLY A 206 -3.37 17.69 -7.00
N HIS A 207 -2.08 17.53 -7.25
CA HIS A 207 -1.44 18.10 -8.45
C HIS A 207 -1.82 17.41 -9.76
N THR A 208 -1.90 18.23 -10.79
CA THR A 208 -2.18 17.80 -12.14
C THR A 208 -2.04 19.02 -13.05
N SER A 209 -2.00 18.80 -14.36
CA SER A 209 -2.03 19.90 -15.36
C SER A 209 -3.42 20.54 -15.49
N ASP A 210 -4.45 19.81 -15.10
CA ASP A 210 -5.80 20.33 -15.27
C ASP A 210 -6.07 21.46 -14.25
N ARG A 211 -6.09 22.69 -14.77
CA ARG A 211 -6.20 23.90 -13.95
C ARG A 211 -7.59 24.13 -13.38
N SER A 212 -8.57 23.35 -13.82
CA SER A 212 -9.86 23.34 -13.13
C SER A 212 -9.81 22.54 -11.83
N LYS A 213 -8.69 21.86 -11.57
CA LYS A 213 -8.56 21.01 -10.37
C LYS A 213 -7.43 21.44 -9.46
N SER A 214 -6.41 22.07 -10.01
CA SER A 214 -5.26 22.43 -9.20
C SER A 214 -4.53 23.61 -9.83
N PRO A 215 -4.20 24.63 -9.01
CA PRO A 215 -3.37 25.73 -9.49
C PRO A 215 -1.95 25.28 -9.88
N VAL A 216 -1.50 24.12 -9.41
CA VAL A 216 -0.16 23.64 -9.75
C VAL A 216 -0.14 22.19 -10.20
N GLY A 217 0.92 21.86 -10.92
CA GLY A 217 1.19 20.50 -11.39
C GLY A 217 1.54 20.41 -12.86
N ASP A 218 2.37 19.43 -13.20
CA ASP A 218 2.63 19.03 -14.60
C ASP A 218 2.51 17.50 -14.73
N SER A 219 1.34 17.03 -15.15
CA SER A 219 1.03 15.59 -15.17
C SER A 219 2.03 14.73 -15.96
N ALA A 220 2.68 15.34 -16.95
CA ALA A 220 3.67 14.68 -17.77
C ALA A 220 5.03 14.54 -17.12
N ARG A 221 5.35 15.36 -16.13
CA ARG A 221 6.73 15.40 -15.61
C ARG A 221 6.88 15.13 -14.11
N GLU A 222 5.92 15.60 -13.33
CA GLU A 222 6.00 15.49 -11.87
C GLU A 222 5.94 14.07 -11.33
N PRO A 223 5.00 13.23 -11.83
CA PRO A 223 4.93 11.89 -11.25
C PRO A 223 6.24 11.12 -11.34
N TRP A 224 6.99 11.30 -12.41
CA TRP A 224 8.23 10.55 -12.61
C TRP A 224 9.32 11.07 -11.69
N ILE A 225 9.30 12.39 -11.42
CA ILE A 225 10.19 13.00 -10.43
C ILE A 225 9.89 12.52 -9.01
N VAL A 226 8.61 12.49 -8.66
CA VAL A 226 8.18 11.92 -7.39
C VAL A 226 8.58 10.47 -7.28
N GLY A 227 8.29 9.68 -8.31
CA GLY A 227 8.69 8.28 -8.33
C GLY A 227 10.17 8.17 -7.98
N HIS A 228 10.95 8.92 -8.73
CA HIS A 228 12.41 8.89 -8.59
C HIS A 228 12.93 9.19 -7.20
N ASN A 229 12.41 10.25 -6.61
CA ASN A 229 12.95 10.74 -5.35
C ASN A 229 12.51 9.89 -4.18
N ILE A 230 11.33 9.29 -4.29
CA ILE A 230 10.91 8.33 -3.30
C ILE A 230 11.83 7.11 -3.29
N LEU A 231 12.14 6.54 -4.46
CA LEU A 231 13.17 5.50 -4.53
C LEU A 231 14.46 5.91 -3.76
N ILE A 232 14.93 7.13 -3.97
CA ILE A 232 16.10 7.65 -3.27
C ILE A 232 15.93 7.70 -1.74
N ALA A 233 14.81 8.27 -1.30
CA ALA A 233 14.50 8.38 0.13
C ALA A 233 14.35 7.00 0.79
N HIS A 234 13.55 6.14 0.15
CA HIS A 234 13.50 4.71 0.50
C HIS A 234 14.89 4.09 0.73
N ALA A 235 15.74 4.26 -0.27
CA ALA A 235 17.04 3.63 -0.25
C ALA A 235 17.89 4.20 0.87
N ARG A 236 17.86 5.51 1.08
CA ARG A 236 18.58 6.10 2.23
C ARG A 236 18.12 5.47 3.54
N ALA A 237 16.81 5.39 3.70
CA ALA A 237 16.25 4.81 4.91
C ALA A 237 16.71 3.35 5.15
N VAL A 238 16.95 2.60 4.08
CA VAL A 238 17.33 1.21 4.16
C VAL A 238 18.81 1.10 4.55
N LYS A 239 19.65 1.86 3.87
CA LYS A 239 21.06 1.94 4.21
C LYS A 239 21.20 2.30 5.67
N ALA A 240 20.43 3.27 6.11
CA ALA A 240 20.46 3.67 7.51
C ALA A 240 20.06 2.53 8.42
N TYR A 241 19.01 1.79 8.05
CA TYR A 241 18.58 0.64 8.84
C TYR A 241 19.69 -0.41 8.90
N ARG A 242 20.22 -0.78 7.74
CA ARG A 242 21.17 -1.88 7.64
C ARG A 242 22.49 -1.56 8.32
N GLU A 243 22.88 -0.28 8.25
CA GLU A 243 24.15 0.15 8.86
C GLU A 243 24.07 0.39 10.35
N ASP A 244 23.08 1.12 10.85
CA ASP A 244 23.12 1.53 12.26
C ASP A 244 22.12 0.82 13.17
N PHE A 245 21.24 -0.04 12.61
CA PHE A 245 20.20 -0.67 13.43
C PHE A 245 20.10 -2.21 13.38
N LYS A 246 20.32 -2.78 12.20
CA LYS A 246 20.19 -4.23 11.97
C LYS A 246 21.19 -5.05 12.77
N PRO A 247 22.48 -4.66 12.75
CA PRO A 247 23.47 -5.45 13.49
C PRO A 247 23.08 -5.71 14.94
N THR A 248 22.56 -4.69 15.61
CA THR A 248 22.19 -4.81 17.01
C THR A 248 20.75 -5.23 17.24
N GLN A 249 19.84 -4.89 16.34
CA GLN A 249 18.39 -5.08 16.57
C GLN A 249 17.82 -6.14 15.65
N GLY A 250 18.59 -6.53 14.64
CA GLY A 250 18.16 -7.51 13.67
C GLY A 250 17.08 -6.96 12.78
N GLY A 251 16.21 -7.86 12.30
CA GLY A 251 15.02 -7.46 11.59
C GLY A 251 15.31 -7.09 10.16
N GLU A 252 14.26 -6.62 9.47
CA GLU A 252 14.28 -6.44 8.02
C GLU A 252 13.49 -5.23 7.58
N ILE A 253 13.78 -4.78 6.36
CA ILE A 253 13.15 -3.61 5.79
C ILE A 253 13.03 -3.68 4.26
N GLY A 254 11.90 -3.21 3.74
CA GLY A 254 11.60 -3.18 2.31
C GLY A 254 10.51 -2.17 1.96
N ILE A 255 10.16 -2.12 0.69
CA ILE A 255 9.14 -1.19 0.21
C ILE A 255 7.89 -2.00 -0.12
N THR A 256 6.73 -1.35 -0.12
CA THR A 256 5.51 -2.04 -0.48
C THR A 256 4.97 -1.49 -1.80
N LEU A 257 4.93 -2.36 -2.80
CA LEU A 257 4.47 -2.01 -4.13
C LEU A 257 3.14 -2.65 -4.42
N ASN A 258 2.25 -1.86 -4.99
CA ASN A 258 1.00 -2.41 -5.46
C ASN A 258 1.03 -2.67 -6.93
N GLY A 259 0.01 -3.33 -7.42
CA GLY A 259 0.00 -3.71 -8.82
C GLY A 259 -0.94 -4.85 -9.05
N ASP A 260 -1.70 -4.72 -10.11
CA ASP A 260 -2.74 -5.68 -10.45
C ASP A 260 -2.30 -6.48 -11.63
N ALA A 261 -2.94 -7.64 -11.82
CA ALA A 261 -2.54 -8.62 -12.84
C ALA A 261 -3.11 -8.29 -14.20
N THR A 262 -2.60 -8.98 -15.22
CA THR A 262 -2.91 -8.67 -16.60
C THR A 262 -3.21 -9.92 -17.39
N LEU A 263 -4.17 -9.79 -18.29
CA LEU A 263 -4.51 -10.82 -19.26
C LEU A 263 -4.68 -10.14 -20.62
N PRO A 264 -4.35 -10.84 -21.70
CA PRO A 264 -4.43 -10.19 -23.02
C PRO A 264 -5.87 -10.03 -23.44
N TRP A 265 -6.21 -8.87 -24.00
CA TRP A 265 -7.59 -8.58 -24.34
C TRP A 265 -8.00 -9.46 -25.49
N ASP A 266 -7.08 -9.72 -26.41
CA ASP A 266 -7.24 -10.75 -27.46
C ASP A 266 -6.09 -11.73 -27.28
N PRO A 267 -6.39 -12.95 -26.88
CA PRO A 267 -5.34 -13.93 -26.58
C PRO A 267 -4.54 -14.36 -27.79
N GLU A 268 -5.10 -14.17 -28.99
CA GLU A 268 -4.40 -14.46 -30.24
C GLU A 268 -3.42 -13.35 -30.67
N ASP A 269 -3.51 -12.17 -30.07
CA ASP A 269 -2.74 -11.02 -30.54
C ASP A 269 -1.39 -10.89 -29.81
N PRO A 270 -0.27 -11.15 -30.50
CA PRO A 270 1.05 -11.04 -29.83
C PRO A 270 1.31 -9.71 -29.12
N ALA A 271 0.76 -8.63 -29.67
CA ALA A 271 0.94 -7.29 -29.13
C ALA A 271 0.14 -7.03 -27.82
N ASP A 272 -1.05 -7.61 -27.67
CA ASP A 272 -1.74 -7.61 -26.38
C ASP A 272 -0.97 -8.44 -25.37
N ILE A 273 -0.43 -9.56 -25.82
CA ILE A 273 0.34 -10.42 -24.95
C ILE A 273 1.59 -9.69 -24.49
N GLU A 274 2.19 -8.89 -25.37
CA GLU A 274 3.36 -8.14 -25.00
C GLU A 274 2.96 -7.08 -23.96
N ALA A 275 1.86 -6.41 -24.25
CA ALA A 275 1.40 -5.31 -23.43
C ALA A 275 1.01 -5.78 -21.99
N CYS A 276 0.67 -7.07 -21.84
CA CYS A 276 0.41 -7.63 -20.49
C CYS A 276 1.65 -7.52 -19.65
N ASP A 277 2.81 -7.69 -20.27
CA ASP A 277 4.09 -7.54 -19.57
C ASP A 277 4.38 -6.08 -19.39
N ARG A 278 4.12 -5.28 -20.41
CA ARG A 278 4.47 -3.87 -20.36
C ARG A 278 3.68 -3.12 -19.30
N LYS A 279 2.40 -3.44 -19.15
CA LYS A 279 1.57 -2.79 -18.18
C LYS A 279 2.19 -3.00 -16.80
N ILE A 280 2.58 -4.24 -16.54
CA ILE A 280 3.15 -4.55 -15.24
C ILE A 280 4.45 -3.79 -15.01
N GLU A 281 5.24 -3.64 -16.07
CA GLU A 281 6.53 -2.93 -16.00
C GLU A 281 6.33 -1.47 -15.62
N PHE A 282 5.35 -0.82 -16.23
CA PHE A 282 5.07 0.57 -15.91
C PHE A 282 4.55 0.79 -14.50
N ALA A 283 3.69 -0.13 -14.04
CA ALA A 283 3.02 0.00 -12.76
C ALA A 283 3.87 -0.46 -11.58
N ILE A 284 4.70 -1.48 -11.77
CA ILE A 284 5.50 -2.09 -10.69
C ILE A 284 6.99 -1.96 -10.92
N SER A 285 7.48 -2.45 -12.05
CA SER A 285 8.89 -2.47 -12.31
C SER A 285 9.50 -1.07 -12.31
N TRP A 286 8.65 -0.07 -12.59
CA TRP A 286 9.00 1.33 -12.36
C TRP A 286 9.82 1.44 -11.10
N PHE A 287 9.33 0.84 -10.03
CA PHE A 287 10.01 0.88 -8.75
C PHE A 287 10.90 -0.34 -8.52
N ALA A 288 10.42 -1.52 -8.90
CA ALA A 288 11.14 -2.76 -8.54
C ALA A 288 12.46 -2.99 -9.30
N ASP A 289 12.52 -2.60 -10.58
CA ASP A 289 13.74 -2.78 -11.36
C ASP A 289 14.86 -1.94 -10.76
N PRO A 290 14.60 -0.65 -10.45
CA PRO A 290 15.67 0.08 -9.79
C PRO A 290 16.13 -0.60 -8.50
N ILE A 291 15.21 -1.19 -7.76
CA ILE A 291 15.53 -1.79 -6.50
C ILE A 291 16.25 -3.13 -6.60
N TYR A 292 15.98 -3.92 -7.65
CA TYR A 292 16.73 -5.18 -7.85
C TYR A 292 17.88 -5.02 -8.87
N PHE A 293 17.68 -4.20 -9.89
CA PHE A 293 18.65 -4.13 -10.99
C PHE A 293 19.41 -2.81 -11.17
N GLY A 294 19.08 -1.79 -10.38
CA GLY A 294 19.69 -0.46 -10.51
C GLY A 294 19.39 0.28 -11.81
N LYS A 295 18.23 -0.01 -12.41
CA LYS A 295 17.77 0.77 -13.55
C LYS A 295 16.27 0.65 -13.70
N TYR A 296 15.70 1.52 -14.51
CA TYR A 296 14.29 1.49 -14.84
C TYR A 296 14.06 0.48 -15.98
N PRO A 297 12.82 0.02 -16.17
CA PRO A 297 12.57 -0.89 -17.27
C PRO A 297 12.78 -0.20 -18.60
N ASP A 298 13.40 -0.91 -19.55
CA ASP A 298 13.67 -0.38 -20.91
C ASP A 298 12.42 0.15 -21.62
N SER A 299 11.28 -0.48 -21.36
CA SER A 299 10.04 -0.07 -21.97
C SER A 299 9.65 1.33 -21.49
N MET A 300 9.99 1.67 -20.25
CA MET A 300 9.66 3.00 -19.70
C MET A 300 10.61 4.09 -20.24
N ARG A 301 11.90 3.78 -20.22
CA ARG A 301 12.92 4.63 -20.85
C ARG A 301 12.49 5.04 -22.28
N LYS A 302 12.06 4.07 -23.08
CA LYS A 302 11.68 4.25 -24.47
C LYS A 302 10.52 5.22 -24.63
N GLN A 303 9.44 4.97 -23.90
CA GLN A 303 8.26 5.81 -24.06
C GLN A 303 8.44 7.22 -23.50
N LEU A 304 9.18 7.33 -22.40
CA LEU A 304 9.15 8.53 -21.57
C LEU A 304 10.35 9.46 -21.82
N GLY A 305 11.46 8.87 -22.27
CA GLY A 305 12.65 9.62 -22.55
C GLY A 305 13.16 10.40 -21.37
N ASP A 306 13.31 11.69 -21.57
CA ASP A 306 14.01 12.58 -20.64
C ASP A 306 13.12 13.01 -19.49
N ARG A 307 11.83 12.71 -19.61
CA ARG A 307 10.91 12.94 -18.51
C ARG A 307 11.04 11.88 -17.41
N LEU A 308 11.79 10.82 -17.72
CA LEU A 308 12.12 9.81 -16.75
C LEU A 308 13.51 10.12 -16.28
N PRO A 309 13.68 10.54 -15.00
CA PRO A 309 15.00 10.89 -14.53
C PRO A 309 16.03 9.78 -14.69
N GLU A 310 17.29 10.09 -14.40
CA GLU A 310 18.37 9.11 -14.47
C GLU A 310 19.12 9.08 -13.16
N PHE A 311 19.45 7.87 -12.73
CA PHE A 311 20.21 7.71 -11.53
C PHE A 311 21.66 8.07 -11.79
N THR A 312 22.29 8.76 -10.85
CA THR A 312 23.74 8.90 -10.85
C THR A 312 24.32 7.54 -10.44
N PRO A 313 25.60 7.30 -10.72
CA PRO A 313 26.23 6.06 -10.26
C PRO A 313 26.13 5.85 -8.75
N GLU A 314 26.27 6.95 -8.00
CA GLU A 314 26.15 6.93 -6.56
C GLU A 314 24.70 6.48 -6.21
N GLU A 315 23.71 6.96 -6.98
CA GLU A 315 22.30 6.60 -6.77
C GLU A 315 21.98 5.16 -7.15
N VAL A 316 22.55 4.70 -8.27
CA VAL A 316 22.38 3.31 -8.70
C VAL A 316 22.81 2.35 -7.62
N ALA A 317 23.96 2.61 -7.03
CA ALA A 317 24.49 1.75 -5.98
C ALA A 317 23.69 1.82 -4.67
N LEU A 318 23.06 2.97 -4.45
CA LEU A 318 22.21 3.20 -3.27
C LEU A 318 20.89 2.39 -3.35
N VAL A 319 20.15 2.65 -4.44
CA VAL A 319 18.88 1.99 -4.70
C VAL A 319 18.98 0.47 -4.97
N LYS A 320 19.98 0.04 -5.72
CA LYS A 320 20.03 -1.34 -6.18
C LYS A 320 20.40 -2.24 -5.02
N GLY A 321 19.59 -3.26 -4.79
CA GLY A 321 19.75 -4.16 -3.65
C GLY A 321 19.08 -3.70 -2.37
N SER A 322 18.22 -2.67 -2.49
CA SER A 322 17.62 -2.00 -1.32
C SER A 322 16.29 -2.58 -0.77
N ASN A 323 15.96 -3.85 -1.11
CA ASN A 323 14.84 -4.58 -0.47
C ASN A 323 15.36 -5.80 0.31
N ASP A 324 15.22 -5.83 1.62
CA ASP A 324 15.41 -7.13 2.33
C ASP A 324 14.30 -8.12 1.92
N PHE A 325 13.09 -7.61 1.70
CA PHE A 325 12.00 -8.42 1.24
C PHE A 325 11.15 -7.68 0.24
N TYR A 326 10.25 -8.39 -0.44
CA TYR A 326 9.35 -7.77 -1.40
C TYR A 326 8.01 -7.60 -0.73
N GLY A 327 7.61 -6.36 -0.46
CA GLY A 327 6.30 -6.10 0.12
C GLY A 327 5.31 -5.91 -1.00
N MET A 328 4.21 -6.65 -0.95
CA MET A 328 3.29 -6.68 -2.07
C MET A 328 1.84 -6.39 -1.67
N ASN A 329 1.23 -5.42 -2.36
CA ASN A 329 -0.19 -5.16 -2.24
C ASN A 329 -0.90 -5.57 -3.53
N HIS A 330 -2.02 -6.27 -3.42
CA HIS A 330 -2.69 -6.72 -4.62
C HIS A 330 -4.19 -6.88 -4.47
N TYR A 331 -4.92 -6.50 -5.53
CA TYR A 331 -6.37 -6.50 -5.47
C TYR A 331 -7.16 -7.16 -6.64
N THR A 332 -6.72 -6.98 -7.88
CA THR A 332 -7.58 -7.26 -9.03
C THR A 332 -6.72 -7.55 -10.25
N ALA A 333 -7.39 -7.70 -11.39
CA ALA A 333 -6.70 -7.84 -12.67
C ALA A 333 -7.51 -7.13 -13.73
N ASN A 334 -6.89 -6.97 -14.91
CA ASN A 334 -7.53 -6.29 -16.03
C ASN A 334 -7.10 -6.92 -17.32
N TYR A 335 -8.00 -6.92 -18.29
CA TYR A 335 -7.66 -7.23 -19.64
C TYR A 335 -6.91 -6.06 -20.24
N ILE A 336 -5.83 -6.35 -20.95
CA ILE A 336 -4.93 -5.33 -21.46
C ILE A 336 -4.97 -5.33 -22.98
N LYS A 337 -5.22 -4.17 -23.56
CA LYS A 337 -5.43 -4.03 -24.99
C LYS A 337 -4.49 -2.95 -25.48
N HIS A 338 -3.47 -3.36 -26.24
CA HIS A 338 -2.47 -2.45 -26.79
C HIS A 338 -3.07 -1.35 -27.64
N LYS A 339 -2.44 -0.19 -27.55
CA LYS A 339 -2.75 0.97 -28.36
C LYS A 339 -1.60 1.17 -29.34
N THR A 340 -1.93 1.65 -30.53
CA THR A 340 -0.91 2.05 -31.49
C THR A 340 -0.62 3.55 -31.42
N GLY A 341 0.48 3.92 -32.06
CA GLY A 341 0.85 5.30 -32.17
C GLY A 341 1.77 5.72 -31.05
N VAL A 342 1.92 7.03 -30.95
CA VAL A 342 2.70 7.64 -29.88
C VAL A 342 1.67 7.99 -28.81
N PRO A 343 1.94 7.60 -27.55
CA PRO A 343 0.96 7.91 -26.51
C PRO A 343 1.09 9.35 -26.02
N PRO A 344 -0.02 9.95 -25.56
CA PRO A 344 0.01 11.29 -24.99
C PRO A 344 1.14 11.45 -23.97
N GLU A 345 1.62 12.68 -23.82
CA GLU A 345 2.53 13.07 -22.72
C GLU A 345 2.03 12.60 -21.33
N ASP A 346 0.73 12.71 -21.10
CA ASP A 346 0.11 12.34 -19.80
C ASP A 346 0.04 10.83 -19.48
N ASP A 347 0.37 9.98 -20.44
CA ASP A 347 0.25 8.52 -20.25
C ASP A 347 1.21 7.96 -19.19
N PHE A 348 0.66 7.11 -18.32
CA PHE A 348 1.45 6.37 -17.33
C PHE A 348 1.22 4.85 -17.41
N LEU A 349 0.24 4.40 -18.19
CA LEU A 349 -0.10 2.98 -18.26
C LEU A 349 0.92 2.21 -19.08
N GLY A 350 1.41 2.84 -20.14
CA GLY A 350 2.35 2.27 -21.10
C GLY A 350 1.71 2.01 -22.46
N ASN A 351 0.84 2.94 -22.89
CA ASN A 351 0.28 2.93 -24.24
C ASN A 351 -0.63 1.71 -24.48
N LEU A 352 -1.67 1.62 -23.65
CA LEU A 352 -2.53 0.46 -23.60
C LEU A 352 -3.73 0.83 -22.79
N GLU A 353 -4.77 0.01 -22.90
CA GLU A 353 -6.00 0.16 -22.13
C GLU A 353 -6.17 -0.94 -21.13
N THR A 354 -6.82 -0.63 -20.02
CA THR A 354 -7.25 -1.65 -19.10
C THR A 354 -8.76 -1.81 -19.20
N LEU A 355 -9.24 -3.04 -19.09
CA LEU A 355 -10.62 -3.35 -19.34
C LEU A 355 -11.01 -4.52 -18.49
N PHE A 356 -12.31 -4.64 -18.26
CA PHE A 356 -12.84 -5.71 -17.43
C PHE A 356 -13.49 -6.82 -18.26
N TYR A 357 -13.37 -6.71 -19.59
CA TYR A 357 -14.04 -7.59 -20.54
C TYR A 357 -13.15 -7.77 -21.75
N ASN A 358 -13.05 -8.99 -22.26
CA ASN A 358 -12.09 -9.23 -23.31
C ASN A 358 -12.76 -9.30 -24.66
N LYS A 359 -11.99 -9.64 -25.67
CA LYS A 359 -12.47 -9.67 -27.05
C LYS A 359 -13.70 -10.53 -27.22
N TYR A 360 -13.74 -11.65 -26.51
CA TYR A 360 -14.82 -12.64 -26.60
C TYR A 360 -15.86 -12.50 -25.46
N GLY A 361 -15.85 -11.34 -24.80
CA GLY A 361 -16.86 -11.03 -23.77
C GLY A 361 -16.63 -11.68 -22.42
N ASP A 362 -15.46 -12.28 -22.22
CA ASP A 362 -15.11 -12.86 -20.93
C ASP A 362 -14.91 -11.72 -19.91
N CYS A 363 -15.22 -11.98 -18.64
CA CYS A 363 -15.09 -10.97 -17.59
C CYS A 363 -14.04 -11.34 -16.57
N ILE A 364 -13.43 -10.32 -15.97
CA ILE A 364 -12.56 -10.50 -14.82
C ILE A 364 -13.35 -10.98 -13.59
N GLY A 365 -14.55 -10.46 -13.40
CA GLY A 365 -15.35 -10.82 -12.24
C GLY A 365 -16.43 -9.80 -11.96
N PRO A 366 -17.25 -10.03 -10.95
CA PRO A 366 -18.30 -9.08 -10.63
C PRO A 366 -17.78 -7.80 -10.03
N GLU A 367 -18.61 -6.75 -10.10
CA GLU A 367 -18.32 -5.46 -9.50
C GLU A 367 -18.21 -5.49 -7.98
N THR A 368 -17.40 -4.56 -7.46
CA THR A 368 -17.39 -4.26 -6.03
C THR A 368 -17.92 -2.84 -5.88
N GLN A 369 -17.66 -2.22 -4.73
CA GLN A 369 -17.94 -0.80 -4.50
C GLN A 369 -16.91 0.12 -5.12
N SER A 370 -15.75 -0.44 -5.42
CA SER A 370 -14.68 0.30 -6.07
C SER A 370 -14.75 0.03 -7.59
N PHE A 371 -14.85 1.09 -8.38
CA PHE A 371 -14.91 0.95 -9.82
C PHE A 371 -13.73 0.17 -10.40
N TRP A 372 -12.56 0.32 -9.76
CA TRP A 372 -11.32 -0.28 -10.26
C TRP A 372 -11.11 -1.75 -9.77
N LEU A 373 -12.03 -2.28 -8.97
CA LEU A 373 -11.78 -3.54 -8.29
C LEU A 373 -12.78 -4.65 -8.63
N ARG A 374 -12.24 -5.74 -9.18
CA ARG A 374 -13.00 -6.95 -9.50
C ARG A 374 -12.20 -8.20 -9.13
N PRO A 375 -12.84 -9.14 -8.43
CA PRO A 375 -12.10 -10.32 -7.98
C PRO A 375 -11.55 -11.18 -9.13
N HIS A 376 -10.30 -11.59 -9.01
CA HIS A 376 -9.71 -12.55 -9.93
C HIS A 376 -8.50 -13.24 -9.27
N ALA A 377 -8.77 -14.18 -8.36
CA ALA A 377 -7.72 -14.89 -7.61
C ALA A 377 -6.63 -15.47 -8.48
N GLN A 378 -6.99 -16.00 -9.64
CA GLN A 378 -6.00 -16.60 -10.53
C GLN A 378 -4.91 -15.60 -10.86
N GLY A 379 -5.30 -14.35 -11.02
CA GLY A 379 -4.36 -13.30 -11.34
C GLY A 379 -3.34 -13.02 -10.24
N PHE A 380 -3.75 -13.28 -8.99
CA PHE A 380 -2.87 -13.10 -7.83
C PHE A 380 -1.72 -14.09 -7.96
N ARG A 381 -2.10 -15.32 -8.29
CA ARG A 381 -1.13 -16.35 -8.54
C ARG A 381 -0.23 -16.05 -9.73
N ASP A 382 -0.81 -15.58 -10.84
CA ASP A 382 -0.02 -15.27 -12.04
C ASP A 382 1.04 -14.19 -11.76
N LEU A 383 0.70 -13.21 -10.93
CA LEU A 383 1.56 -12.07 -10.67
C LEU A 383 2.57 -12.41 -9.62
N LEU A 384 2.19 -13.22 -8.63
CA LEU A 384 3.20 -13.77 -7.71
C LEU A 384 4.31 -14.47 -8.51
N ASN A 385 3.92 -15.32 -9.46
CA ASN A 385 4.89 -15.99 -10.34
C ASN A 385 5.74 -15.02 -11.19
N TRP A 386 5.10 -14.02 -11.73
CA TRP A 386 5.74 -13.04 -12.62
C TRP A 386 6.79 -12.28 -11.84
N LEU A 387 6.41 -11.84 -10.65
CA LEU A 387 7.32 -11.09 -9.78
C LEU A 387 8.49 -11.93 -9.25
N SER A 388 8.20 -13.17 -8.87
CA SER A 388 9.20 -14.09 -8.41
C SER A 388 10.23 -14.43 -9.51
N LYS A 389 9.76 -14.72 -10.73
CA LYS A 389 10.69 -15.00 -11.85
C LYS A 389 11.58 -13.80 -12.17
N ARG A 390 10.97 -12.63 -12.31
CA ARG A 390 11.74 -11.46 -12.70
C ARG A 390 12.77 -11.06 -11.65
N TYR A 391 12.42 -11.19 -10.37
CA TYR A 391 13.25 -10.64 -9.30
C TYR A 391 14.01 -11.69 -8.46
N GLY A 392 14.14 -12.91 -8.96
CA GLY A 392 14.95 -13.95 -8.33
C GLY A 392 14.38 -14.57 -7.07
N TYR A 393 13.08 -14.86 -7.07
CA TYR A 393 12.38 -15.49 -5.92
C TYR A 393 12.74 -14.88 -4.58
N PRO A 394 12.48 -13.58 -4.42
CA PRO A 394 12.71 -12.91 -3.15
C PRO A 394 11.66 -13.33 -2.17
N LYS A 395 11.94 -13.11 -0.89
CA LYS A 395 10.96 -13.41 0.12
C LYS A 395 9.86 -12.37 -0.02
N ILE A 396 8.61 -12.82 -0.05
CA ILE A 396 7.49 -11.91 -0.25
C ILE A 396 6.58 -11.86 0.94
N TYR A 397 6.21 -10.65 1.34
CA TYR A 397 5.13 -10.48 2.30
C TYR A 397 4.03 -9.84 1.58
N VAL A 398 2.85 -10.45 1.58
CA VAL A 398 1.69 -9.79 1.00
C VAL A 398 1.13 -8.85 2.08
N THR A 399 1.38 -7.54 1.92
CA THR A 399 1.04 -6.52 2.95
C THR A 399 -0.36 -5.90 2.79
N GLU A 400 -1.03 -6.21 1.67
CA GLU A 400 -2.41 -5.83 1.49
C GLU A 400 -3.09 -6.73 0.47
N ASN A 401 -4.24 -7.26 0.85
CA ASN A 401 -5.16 -7.93 -0.08
C ASN A 401 -6.49 -7.93 0.62
N GLY A 402 -7.58 -7.69 -0.10
CA GLY A 402 -8.93 -7.62 0.51
C GLY A 402 -9.90 -6.98 -0.48
N THR A 403 -11.14 -6.77 -0.08
CA THR A 403 -12.14 -6.25 -1.01
C THR A 403 -13.25 -5.41 -0.37
N SER A 404 -13.85 -4.58 -1.21
CA SER A 404 -15.07 -3.88 -0.91
C SER A 404 -16.15 -4.73 -1.50
N LEU A 405 -17.37 -4.32 -1.26
CA LEU A 405 -18.51 -5.15 -1.55
C LEU A 405 -19.63 -4.18 -1.92
N LYS A 406 -20.20 -4.33 -3.12
CA LYS A 406 -21.06 -3.28 -3.66
C LYS A 406 -22.35 -3.06 -2.87
N GLY A 407 -22.59 -1.80 -2.52
CA GLY A 407 -23.75 -1.41 -1.74
C GLY A 407 -23.66 -1.73 -0.27
N GLU A 408 -22.45 -1.97 0.22
CA GLU A 408 -22.28 -2.46 1.60
C GLU A 408 -22.60 -1.36 2.60
N ASN A 409 -22.33 -0.11 2.21
CA ASN A 409 -22.61 1.02 3.08
C ASN A 409 -24.10 1.25 3.28
N ASP A 410 -24.92 0.77 2.36
CA ASP A 410 -26.38 0.94 2.45
C ASP A 410 -27.10 -0.21 3.14
N MET A 411 -26.41 -1.26 3.56
CA MET A 411 -27.09 -2.49 3.99
C MET A 411 -27.46 -2.49 5.46
N PRO A 412 -28.51 -3.24 5.81
CA PRO A 412 -28.88 -3.49 7.22
C PRO A 412 -27.84 -4.32 7.96
N LEU A 413 -27.55 -3.96 9.19
CA LEU A 413 -26.49 -4.61 9.93
C LEU A 413 -26.38 -6.12 9.68
N GLU A 414 -27.48 -6.84 9.80
CA GLU A 414 -27.43 -8.32 9.74
C GLU A 414 -26.96 -8.82 8.37
N GLN A 415 -27.23 -8.03 7.36
CA GLN A 415 -26.79 -8.37 6.02
C GLN A 415 -25.28 -8.11 5.89
N VAL A 416 -24.84 -6.99 6.47
CA VAL A 416 -23.42 -6.60 6.44
C VAL A 416 -22.55 -7.68 7.07
N LEU A 417 -23.00 -8.22 8.19
CA LEU A 417 -22.17 -9.15 8.92
C LEU A 417 -22.05 -10.49 8.16
N GLU A 418 -23.12 -10.88 7.45
CA GLU A 418 -23.07 -12.04 6.52
C GLU A 418 -22.40 -11.64 5.20
N ASP A 419 -21.13 -11.27 5.24
CA ASP A 419 -20.40 -10.83 4.05
C ASP A 419 -19.81 -12.00 3.24
N ASP A 420 -20.68 -12.85 2.70
CA ASP A 420 -20.21 -14.06 2.02
C ASP A 420 -19.33 -13.78 0.82
N PHE A 421 -19.58 -12.68 0.14
CA PHE A 421 -18.74 -12.25 -0.95
C PHE A 421 -17.27 -12.02 -0.52
N ARG A 422 -17.07 -11.43 0.65
CA ARG A 422 -15.71 -11.16 1.14
C ARG A 422 -15.07 -12.44 1.67
N VAL A 423 -15.83 -13.24 2.42
CA VAL A 423 -15.39 -14.57 2.84
C VAL A 423 -14.80 -15.29 1.62
N LYS A 424 -15.50 -15.22 0.50
CA LYS A 424 -15.11 -15.94 -0.72
C LYS A 424 -13.83 -15.35 -1.39
N TYR A 425 -13.72 -14.02 -1.38
CA TYR A 425 -12.54 -13.34 -1.87
C TYR A 425 -11.29 -13.84 -1.12
N PHE A 426 -11.38 -13.91 0.20
CA PHE A 426 -10.22 -14.30 0.97
C PHE A 426 -9.93 -15.77 0.74
N ASN A 427 -10.97 -16.57 0.73
CA ASN A 427 -10.82 -17.98 0.46
C ASN A 427 -10.05 -18.20 -0.85
N ASP A 428 -10.55 -17.65 -1.95
CA ASP A 428 -9.93 -17.87 -3.26
C ASP A 428 -8.54 -17.23 -3.39
N TYR A 429 -8.37 -15.99 -2.91
CA TYR A 429 -7.09 -15.33 -2.99
C TYR A 429 -6.03 -15.99 -2.10
N VAL A 430 -6.38 -16.40 -0.87
CA VAL A 430 -5.41 -17.05 0.00
C VAL A 430 -5.02 -18.42 -0.56
N ARG A 431 -5.99 -19.16 -1.07
CA ARG A 431 -5.70 -20.46 -1.67
C ARG A 431 -4.88 -20.32 -2.94
N ALA A 432 -5.14 -19.29 -3.72
CA ALA A 432 -4.36 -19.09 -4.94
C ALA A 432 -2.90 -18.76 -4.58
N MET A 433 -2.73 -17.96 -3.54
CA MET A 433 -1.42 -17.72 -2.98
C MET A 433 -0.74 -19.02 -2.52
N ALA A 434 -1.48 -19.90 -1.85
CA ALA A 434 -0.88 -21.10 -1.28
C ALA A 434 -0.38 -22.09 -2.38
N ALA A 435 -1.10 -22.12 -3.50
CA ALA A 435 -0.60 -22.80 -4.69
C ALA A 435 0.64 -22.12 -5.24
N ALA A 436 0.65 -20.79 -5.18
CA ALA A 436 1.83 -20.06 -5.64
C ALA A 436 3.08 -20.52 -4.89
N VAL A 437 2.90 -20.77 -3.61
CA VAL A 437 3.98 -21.25 -2.74
C VAL A 437 4.28 -22.74 -2.99
N ALA A 438 3.27 -23.57 -2.67
CA ALA A 438 3.45 -25.02 -2.64
C ALA A 438 3.62 -25.64 -4.01
N GLU A 439 2.86 -25.17 -5.00
CA GLU A 439 2.92 -25.73 -6.36
C GLU A 439 3.92 -24.98 -7.27
N ASP A 440 4.11 -23.67 -7.09
CA ASP A 440 5.00 -22.89 -7.99
C ASP A 440 6.27 -22.35 -7.35
N GLY A 441 6.46 -22.61 -6.06
CA GLY A 441 7.72 -22.26 -5.43
C GLY A 441 8.01 -20.80 -5.13
N CYS A 442 7.01 -19.92 -5.23
CA CYS A 442 7.16 -18.50 -4.81
C CYS A 442 7.30 -18.44 -3.29
N ASN A 443 8.28 -17.69 -2.79
CA ASN A 443 8.57 -17.67 -1.34
C ASN A 443 7.73 -16.68 -0.53
N VAL A 444 6.43 -16.91 -0.44
CA VAL A 444 5.60 -16.03 0.32
C VAL A 444 5.66 -16.44 1.79
N ARG A 445 5.96 -15.48 2.67
CA ARG A 445 6.12 -15.70 4.11
C ARG A 445 5.16 -14.93 4.97
N GLY A 446 4.28 -14.13 4.37
CA GLY A 446 3.21 -13.55 5.15
C GLY A 446 2.08 -12.95 4.36
N TYR A 447 0.90 -12.90 4.98
CA TYR A 447 -0.30 -12.37 4.34
C TYR A 447 -1.10 -11.52 5.32
N LEU A 448 -1.33 -10.26 4.94
CA LEU A 448 -2.06 -9.28 5.74
C LEU A 448 -3.29 -8.75 5.01
N ALA A 449 -4.46 -9.03 5.56
CA ALA A 449 -5.73 -8.68 4.96
C ALA A 449 -6.12 -7.23 5.17
N TRP A 450 -6.46 -6.57 4.06
CA TRP A 450 -6.92 -5.21 4.09
C TRP A 450 -8.45 -5.24 4.18
N SER A 451 -9.05 -4.68 5.21
CA SER A 451 -8.41 -4.15 6.42
C SER A 451 -9.07 -4.77 7.64
N LEU A 452 -8.45 -4.56 8.80
CA LEU A 452 -9.08 -4.95 10.04
C LEU A 452 -10.43 -4.24 10.20
N LEU A 453 -10.47 -2.95 9.87
CA LEU A 453 -11.67 -2.14 10.10
C LEU A 453 -12.15 -1.48 8.83
N ASP A 454 -13.46 -1.29 8.76
CA ASP A 454 -14.01 -0.37 7.81
C ASP A 454 -13.35 0.92 8.18
N ASN A 455 -13.02 1.75 7.19
CA ASN A 455 -12.23 2.95 7.47
C ASN A 455 -12.36 4.01 6.36
N PHE A 456 -11.62 5.11 6.49
CA PHE A 456 -11.62 6.20 5.52
C PHE A 456 -10.83 5.82 4.24
N GLU A 457 -11.56 5.51 3.17
CA GLU A 457 -10.96 5.06 1.90
C GLU A 457 -10.63 6.25 0.98
N TRP A 458 -9.83 7.15 1.53
CA TRP A 458 -9.22 8.24 0.77
C TRP A 458 -10.25 9.05 -0.02
N ALA A 459 -10.03 9.20 -1.32
CA ALA A 459 -10.89 10.03 -2.15
C ALA A 459 -12.34 9.57 -2.18
N GLU A 460 -12.59 8.30 -1.89
CA GLU A 460 -13.95 7.74 -1.87
C GLU A 460 -14.60 7.83 -0.47
N GLY A 461 -13.87 8.30 0.53
CA GLY A 461 -14.41 8.51 1.87
C GLY A 461 -14.83 7.22 2.54
N TYR A 462 -15.87 7.31 3.37
CA TYR A 462 -16.29 6.18 4.21
C TYR A 462 -17.33 5.29 3.53
N GLU A 463 -17.73 5.64 2.30
CA GLU A 463 -18.75 4.88 1.57
C GLU A 463 -18.29 3.48 1.20
N THR A 464 -17.02 3.39 0.85
CA THR A 464 -16.36 2.17 0.47
C THR A 464 -15.83 1.47 1.72
N ARG A 465 -16.28 0.26 1.95
CA ARG A 465 -15.89 -0.49 3.13
C ARG A 465 -15.04 -1.71 2.78
N PHE A 466 -13.85 -1.77 3.37
CA PHE A 466 -12.91 -2.87 3.13
C PHE A 466 -12.72 -3.75 4.37
N GLY A 467 -13.38 -3.41 5.47
CA GLY A 467 -13.16 -4.08 6.71
C GLY A 467 -13.68 -5.50 6.81
N VAL A 468 -13.04 -6.30 7.65
CA VAL A 468 -13.61 -7.56 8.06
C VAL A 468 -14.44 -7.30 9.29
N THR A 469 -14.33 -6.07 9.80
CA THR A 469 -15.09 -5.61 10.95
C THR A 469 -15.91 -4.42 10.53
N TYR A 470 -17.22 -4.47 10.77
CA TYR A 470 -18.11 -3.34 10.57
C TYR A 470 -17.81 -2.35 11.65
N VAL A 471 -17.77 -1.08 11.27
CA VAL A 471 -17.63 0.02 12.21
C VAL A 471 -18.86 0.90 12.03
N ASP A 472 -19.58 1.11 13.13
CA ASP A 472 -20.82 1.89 13.14
C ASP A 472 -20.43 3.33 13.49
N TYR A 473 -20.19 4.11 12.46
CA TYR A 473 -19.71 5.46 12.63
C TYR A 473 -20.73 6.29 13.38
N ALA A 474 -22.01 6.00 13.20
CA ALA A 474 -23.07 6.73 13.90
C ALA A 474 -23.29 6.28 15.36
N ASN A 475 -22.72 5.15 15.78
CA ASN A 475 -22.78 4.77 17.19
C ASN A 475 -21.37 4.61 17.76
N ASP A 476 -20.70 5.75 17.89
CA ASP A 476 -19.43 5.84 18.59
C ASP A 476 -18.50 4.74 18.08
N GLN A 477 -18.43 4.61 16.75
CA GLN A 477 -17.50 3.73 16.03
C GLN A 477 -17.47 2.31 16.51
N LYS A 478 -18.64 1.75 16.80
CA LYS A 478 -18.72 0.42 17.42
C LYS A 478 -18.31 -0.73 16.45
N ARG A 479 -17.56 -1.69 16.97
CA ARG A 479 -16.97 -2.79 16.20
C ARG A 479 -17.85 -4.02 16.17
N TYR A 480 -18.09 -4.56 14.97
CA TYR A 480 -18.81 -5.81 14.77
C TYR A 480 -18.03 -6.64 13.79
N PRO A 481 -17.36 -7.69 14.28
CA PRO A 481 -16.72 -8.60 13.34
C PRO A 481 -17.74 -9.12 12.32
N LYS A 482 -17.40 -9.02 11.04
CA LYS A 482 -18.23 -9.60 10.00
C LYS A 482 -17.83 -11.07 9.93
N LYS A 483 -18.53 -11.82 9.09
CA LYS A 483 -18.28 -13.25 8.95
C LYS A 483 -16.86 -13.48 8.35
N SER A 484 -16.37 -12.51 7.58
CA SER A 484 -15.07 -12.67 6.94
C SER A 484 -13.97 -12.73 7.98
N ALA A 485 -14.10 -11.92 9.01
CA ALA A 485 -13.09 -11.79 10.05
C ALA A 485 -12.84 -13.09 10.75
N LYS A 486 -13.90 -13.83 11.07
CA LYS A 486 -13.75 -15.14 11.76
C LYS A 486 -13.27 -16.27 10.83
N SER A 487 -13.38 -16.06 9.52
CA SER A 487 -13.13 -17.13 8.56
C SER A 487 -11.65 -17.38 8.33
N LEU A 488 -10.81 -16.42 8.69
CA LEU A 488 -9.42 -16.44 8.28
C LEU A 488 -8.63 -17.42 9.08
N LYS A 489 -8.95 -17.53 10.36
CA LYS A 489 -8.23 -18.44 11.21
C LYS A 489 -8.39 -19.91 10.75
N PRO A 490 -9.62 -20.37 10.57
CA PRO A 490 -9.73 -21.73 10.08
C PRO A 490 -9.12 -21.91 8.65
N LEU A 491 -9.33 -20.93 7.79
CA LEU A 491 -8.69 -20.94 6.48
C LEU A 491 -7.19 -21.20 6.63
N PHE A 492 -6.52 -20.45 7.50
CA PHE A 492 -5.07 -20.55 7.64
C PHE A 492 -4.63 -21.77 8.45
N ASP A 493 -5.47 -22.19 9.40
CA ASP A 493 -5.32 -23.49 10.06
C ASP A 493 -5.31 -24.65 9.06
N SER A 494 -6.04 -24.51 7.96
CA SER A 494 -6.06 -25.56 6.94
C SER A 494 -4.84 -25.57 6.03
N LEU A 495 -3.90 -24.64 6.20
CA LEU A 495 -2.83 -24.42 5.21
C LEU A 495 -1.45 -24.31 5.80
N ILE A 496 -1.34 -23.81 7.01
CA ILE A 496 -0.05 -23.64 7.64
C ILE A 496 0.38 -24.97 8.24
N ARG A 497 1.53 -25.47 7.80
CA ARG A 497 2.14 -26.68 8.35
C ARG A 497 2.56 -26.45 9.77
N LYS A 498 2.46 -27.49 10.59
CA LYS A 498 2.85 -27.44 12.02
C LYS A 498 4.37 -27.42 12.26
N GLU A 499 5.15 -28.09 11.41
CA GLU A 499 6.61 -28.21 11.63
C GLU A 499 7.44 -28.07 10.33
#